data_7T0S
#
_entry.id   7T0S
#
_cell.length_a   92.740
_cell.length_b   72.290
_cell.length_c   55.330
_cell.angle_alpha   90.000
_cell.angle_beta   108.320
_cell.angle_gamma   90.000
#
_symmetry.space_group_name_H-M   'C 1 2 1'
#
loop_
_entity.id
_entity.type
_entity.pdbx_description
1 polymer 'Isoform 2 of B-cell lymphoma 6 protein'
2 non-polymer 3-chloro-5-{1-[2-({5-chloro-2-[(3S)-3-methylmorpholin-4-yl]pyridin-4-yl}amino)-2-oxoethyl]-4-fluoro-1H-pyrrolo[2,3-b]pyridin-3-yl}-2-hydroxybenzamide
3 non-polymer GLYCEROL
4 non-polymer 'CHLORIDE ION'
5 water water
#
_entity_poly.entity_id   1
_entity_poly.type   'polypeptide(L)'
_entity_poly.pdbx_seq_one_letter_code
;GSADSQIQFTRHASDVLLNLNRLRSRDILTDVVIVVSREQFRAHKTVLMACSGLFYSIFTDQLKRNLSVINLDPEINPEG
FNILLDFMYTSRLNLREGNIMAVMATAMYLQMEHVVDTCRKFIKASE
;
_entity_poly.pdbx_strand_id   A,B,C
#
loop_
_chem_comp.id
_chem_comp.type
_chem_comp.name
_chem_comp.formula
CL non-polymer 'CHLORIDE ION' 'Cl -1'
E2E non-polymer 3-chloro-5-{1-[2-({5-chloro-2-[(3S)-3-methylmorpholin-4-yl]pyridin-4-yl}amino)-2-oxoethyl]-4-fluoro-1H-pyrrolo[2,3-b]pyridin-3-yl}-2-hydroxybenzamide 'C26 H23 Cl2 F N6 O4'
GOL non-polymer GLYCEROL 'C3 H8 O3'
#
# COMPACT_ATOMS: atom_id res chain seq x y z
N SER A 5 22.56 -5.34 38.16
CA SER A 5 21.12 -5.29 37.91
C SER A 5 20.74 -6.15 36.71
N GLN A 6 19.44 -6.18 36.40
CA GLN A 6 18.91 -7.15 35.45
C GLN A 6 17.70 -6.58 34.72
N ILE A 7 17.76 -5.31 34.33
CA ILE A 7 16.56 -4.60 33.88
C ILE A 7 16.15 -5.08 32.49
N GLN A 8 14.91 -5.52 32.35
CA GLN A 8 14.35 -5.91 31.07
C GLN A 8 13.37 -4.87 30.56
N PHE A 9 13.53 -4.48 29.30
CA PHE A 9 12.64 -3.57 28.59
C PHE A 9 11.69 -4.42 27.75
N THR A 10 10.42 -4.50 28.16
CA THR A 10 9.52 -5.48 27.58
C THR A 10 9.05 -5.13 26.18
N ARG A 11 9.28 -3.91 25.71
CA ARG A 11 8.77 -3.46 24.39
C ARG A 11 9.94 -3.25 23.41
N HIS A 12 11.18 -3.50 23.96
CA HIS A 12 12.34 -3.22 23.14
C HIS A 12 12.35 -4.08 21.88
N ALA A 13 12.16 -5.39 22.02
CA ALA A 13 12.21 -6.27 20.85
C ALA A 13 11.18 -5.86 19.81
N SER A 14 9.94 -5.59 20.23
CA SER A 14 8.93 -5.21 19.27
CA SER A 14 8.89 -5.19 19.32
C SER A 14 9.22 -3.85 18.66
N ASP A 15 9.83 -2.94 19.42
CA ASP A 15 10.18 -1.64 18.88
C ASP A 15 11.30 -1.76 17.84
N VAL A 16 12.32 -2.57 18.14
CA VAL A 16 13.36 -2.84 17.15
C VAL A 16 12.74 -3.39 15.87
N LEU A 17 11.86 -4.38 16.00
CA LEU A 17 11.26 -4.99 14.82
C LEU A 17 10.48 -3.96 14.01
N LEU A 18 9.72 -3.09 14.69
CA LEU A 18 8.98 -2.06 13.97
C LEU A 18 9.93 -1.15 13.20
N ASN A 19 11.06 -0.79 13.81
CA ASN A 19 12.01 0.09 13.16
C ASN A 19 12.72 -0.61 12.01
N LEU A 20 12.99 -1.91 12.15
CA LEU A 20 13.50 -2.68 11.02
C LEU A 20 12.50 -2.68 9.86
N ASN A 21 11.20 -2.81 10.17
CA ASN A 21 10.19 -2.75 9.14
C ASN A 21 10.14 -1.37 8.49
N ARG A 22 10.30 -0.32 9.29
CA ARG A 22 10.32 1.03 8.73
C ARG A 22 11.48 1.20 7.77
N LEU A 23 12.66 0.68 8.13
CA LEU A 23 13.80 0.73 7.23
C LEU A 23 13.52 -0.03 5.94
N ARG A 24 12.92 -1.23 6.06
CA ARG A 24 12.55 -1.98 4.86
C ARG A 24 11.63 -1.15 3.96
N SER A 25 10.65 -0.48 4.56
CA SER A 25 9.68 0.27 3.76
C SER A 25 10.34 1.41 3.00
N ARG A 26 11.46 1.93 3.52
CA ARG A 26 12.22 2.96 2.85
C ARG A 26 13.41 2.42 2.07
N ASP A 27 13.57 1.10 2.05
CA ASP A 27 14.67 0.49 1.29
C ASP A 27 16.03 0.89 1.86
N ILE A 28 16.12 1.02 3.18
CA ILE A 28 17.36 1.42 3.82
C ILE A 28 18.11 0.17 4.27
N LEU A 29 19.30 -0.02 3.72
CA LEU A 29 20.22 -1.11 4.04
C LEU A 29 19.68 -2.49 3.70
N THR A 30 18.60 -2.57 2.93
CA THR A 30 18.21 -3.85 2.37
C THR A 30 19.34 -4.36 1.48
N ASP A 31 19.61 -5.68 1.55
CA ASP A 31 20.77 -6.25 0.89
C ASP A 31 20.45 -7.48 0.05
N VAL A 32 19.17 -7.78 -0.16
CA VAL A 32 18.76 -8.94 -1.01
C VAL A 32 17.45 -8.59 -1.71
N VAL A 33 17.32 -9.06 -2.95
CA VAL A 33 16.03 -9.07 -3.62
CA VAL A 33 16.05 -9.08 -3.66
C VAL A 33 15.60 -10.52 -3.74
N ILE A 34 14.42 -10.84 -3.18
CA ILE A 34 13.78 -12.19 -3.28
C ILE A 34 12.84 -12.18 -4.49
N VAL A 35 13.10 -13.02 -5.48
CA VAL A 35 12.33 -13.08 -6.72
C VAL A 35 11.40 -14.27 -6.62
N VAL A 36 10.09 -14.03 -6.72
CA VAL A 36 9.05 -15.10 -6.71
C VAL A 36 8.20 -14.87 -7.96
N SER A 37 8.47 -15.59 -9.05
CA SER A 37 7.77 -15.42 -10.35
C SER A 37 8.16 -14.06 -10.93
N ARG A 38 7.22 -13.16 -11.17
CA ARG A 38 7.51 -11.79 -11.69
C ARG A 38 7.61 -10.83 -10.52
N GLU A 39 7.31 -11.29 -9.30
CA GLU A 39 7.28 -10.42 -8.10
C GLU A 39 8.68 -10.36 -7.48
N GLN A 40 9.14 -9.17 -7.11
CA GLN A 40 10.47 -8.95 -6.49
C GLN A 40 10.28 -8.25 -5.15
N PHE A 41 10.85 -8.77 -4.06
CA PHE A 41 10.68 -8.21 -2.69
C PHE A 41 12.04 -7.95 -2.01
N ARG A 42 12.38 -6.70 -1.71
CA ARG A 42 13.65 -6.36 -1.07
C ARG A 42 13.52 -6.59 0.43
N ALA A 43 14.61 -7.06 1.04
CA ALA A 43 14.59 -7.38 2.47
C ALA A 43 15.99 -7.28 3.03
N HIS A 44 16.10 -7.51 4.34
CA HIS A 44 17.38 -7.60 5.04
C HIS A 44 17.67 -9.08 5.26
N LYS A 45 18.83 -9.55 4.79
CA LYS A 45 19.21 -10.98 4.93
C LYS A 45 19.14 -11.38 6.40
N THR A 46 19.52 -10.50 7.33
CA THR A 46 19.57 -10.89 8.74
C THR A 46 18.17 -11.21 9.26
N VAL A 47 17.18 -10.42 8.87
CA VAL A 47 15.81 -10.70 9.30
C VAL A 47 15.32 -12.01 8.68
N LEU A 48 15.61 -12.21 7.39
CA LEU A 48 15.21 -13.45 6.68
C LEU A 48 15.82 -14.66 7.41
N MET A 49 17.11 -14.60 7.74
CA MET A 49 17.81 -15.71 8.43
C MET A 49 17.22 -15.91 9.83
N ALA A 50 16.75 -14.84 10.47
CA ALA A 50 16.23 -14.89 11.85
C ALA A 50 14.82 -15.49 11.87
N CYS A 51 14.12 -15.51 10.73
CA CYS A 51 12.69 -15.93 10.67
C CYS A 51 12.44 -17.16 9.79
N SER A 52 13.43 -17.64 9.04
CA SER A 52 13.22 -18.74 8.06
C SER A 52 14.34 -19.76 8.08
N GLY A 53 14.01 -21.05 8.22
CA GLY A 53 15.02 -22.12 8.16
C GLY A 53 15.65 -22.16 6.77
N LEU A 54 14.86 -21.88 5.72
CA LEU A 54 15.38 -21.86 4.33
C LEU A 54 16.44 -20.75 4.20
N PHE A 55 16.08 -19.50 4.49
CA PHE A 55 17.00 -18.34 4.32
C PHE A 55 18.21 -18.48 5.23
N TYR A 56 18.00 -19.00 6.45
CA TYR A 56 19.11 -19.25 7.41
C TYR A 56 20.09 -20.24 6.80
N SER A 57 19.60 -21.37 6.29
CA SER A 57 20.45 -22.41 5.67
CA SER A 57 20.46 -22.41 5.68
C SER A 57 21.19 -21.92 4.42
N ILE A 58 20.56 -21.00 3.69
CA ILE A 58 21.18 -20.44 2.45
C ILE A 58 22.28 -19.45 2.85
N PHE A 59 21.97 -18.46 3.66
CA PHE A 59 22.91 -17.35 4.00
C PHE A 59 24.01 -17.79 4.98
N THR A 60 23.80 -18.84 5.79
CA THR A 60 24.86 -19.37 6.70
C THR A 60 26.01 -19.90 5.84
N ASP A 61 25.69 -20.46 4.67
CA ASP A 61 26.71 -21.03 3.74
C ASP A 61 27.54 -19.88 3.18
N GLN A 62 28.86 -19.87 3.41
CA GLN A 62 29.70 -18.82 2.84
C GLN A 62 29.68 -18.82 1.32
N LEU A 63 29.32 -19.95 0.70
CA LEU A 63 29.17 -19.97 -0.76
C LEU A 63 28.02 -19.09 -1.22
N LYS A 64 27.02 -18.82 -0.37
CA LYS A 64 25.80 -18.07 -0.79
C LYS A 64 25.54 -16.84 0.08
N ARG A 65 26.33 -16.61 1.13
CA ARG A 65 26.12 -15.50 2.10
C ARG A 65 26.09 -14.13 1.41
N ASN A 66 26.85 -13.91 0.33
CA ASN A 66 26.98 -12.59 -0.28
C ASN A 66 26.08 -12.39 -1.50
N LEU A 67 25.18 -13.35 -1.74
CA LEU A 67 24.21 -13.27 -2.86
C LEU A 67 23.29 -12.06 -2.67
N SER A 68 23.11 -11.25 -3.71
CA SER A 68 22.21 -10.10 -3.68
C SER A 68 20.84 -10.41 -4.26
N VAL A 69 20.70 -11.54 -4.96
CA VAL A 69 19.43 -11.97 -5.54
C VAL A 69 19.22 -13.42 -5.17
N ILE A 70 17.99 -13.76 -4.78
CA ILE A 70 17.62 -15.16 -4.44
C ILE A 70 16.34 -15.50 -5.20
N ASN A 71 16.42 -16.36 -6.22
CA ASN A 71 15.24 -16.79 -6.96
C ASN A 71 14.59 -17.95 -6.23
N LEU A 72 13.39 -17.74 -5.76
CA LEU A 72 12.62 -18.81 -5.14
C LEU A 72 11.91 -19.62 -6.22
N ASP A 73 11.43 -20.78 -5.82
CA ASP A 73 10.52 -21.60 -6.62
C ASP A 73 9.46 -20.72 -7.28
N PRO A 74 9.39 -20.68 -8.61
CA PRO A 74 8.35 -19.88 -9.27
C PRO A 74 6.93 -20.34 -9.03
N GLU A 75 6.72 -21.56 -8.52
CA GLU A 75 5.37 -22.00 -8.19
C GLU A 75 4.86 -21.43 -6.87
N ILE A 76 5.73 -20.77 -6.10
CA ILE A 76 5.31 -20.15 -4.84
C ILE A 76 4.33 -19.02 -5.13
N ASN A 77 3.27 -18.96 -4.34
CA ASN A 77 2.27 -17.91 -4.49
C ASN A 77 2.85 -16.60 -3.97
N PRO A 78 3.03 -15.55 -4.80
CA PRO A 78 3.65 -14.31 -4.34
C PRO A 78 2.88 -13.66 -3.18
N GLU A 79 1.55 -13.69 -3.22
CA GLU A 79 0.70 -13.15 -2.13
C GLU A 79 1.06 -13.93 -0.87
N GLY A 80 1.11 -15.26 -0.94
CA GLY A 80 1.53 -16.07 0.19
C GLY A 80 2.88 -15.63 0.74
N PHE A 81 3.85 -15.41 -0.15
CA PHE A 81 5.17 -15.00 0.31
C PHE A 81 5.09 -13.66 1.03
N ASN A 82 4.40 -12.70 0.41
CA ASN A 82 4.28 -11.33 0.97
C ASN A 82 3.67 -11.37 2.36
N ILE A 83 2.66 -12.22 2.58
CA ILE A 83 2.04 -12.33 3.90
C ILE A 83 3.07 -12.78 4.93
N LEU A 84 3.93 -13.73 4.56
CA LEU A 84 4.93 -14.22 5.50
C LEU A 84 6.08 -13.24 5.68
N LEU A 85 6.46 -12.53 4.61
CA LEU A 85 7.44 -11.45 4.77
C LEU A 85 6.92 -10.37 5.71
N ASP A 86 5.65 -9.98 5.56
CA ASP A 86 5.07 -9.01 6.49
C ASP A 86 5.07 -9.57 7.91
N PHE A 87 4.74 -10.85 8.07
CA PHE A 87 4.76 -11.51 9.40
C PHE A 87 6.17 -11.43 9.97
N MET A 88 7.18 -11.65 9.14
CA MET A 88 8.58 -11.62 9.57
C MET A 88 8.91 -10.31 10.25
N TYR A 89 8.42 -9.20 9.70
CA TYR A 89 8.74 -7.87 10.15
C TYR A 89 7.72 -7.27 11.11
N THR A 90 6.63 -7.97 11.40
CA THR A 90 5.55 -7.40 12.20
C THR A 90 5.06 -8.26 13.36
N SER A 91 5.33 -9.56 13.36
CA SER A 91 4.76 -10.52 14.30
C SER A 91 3.27 -10.78 14.05
N ARG A 92 2.70 -10.20 12.99
CA ARG A 92 1.28 -10.33 12.71
C ARG A 92 1.10 -11.16 11.44
N LEU A 93 0.24 -12.17 11.51
CA LEU A 93 0.00 -13.09 10.41
C LEU A 93 -1.44 -12.94 9.94
N ASN A 94 -1.62 -12.49 8.70
CA ASN A 94 -2.91 -12.11 8.16
C ASN A 94 -3.45 -13.25 7.30
N LEU A 95 -4.19 -14.15 7.93
CA LEU A 95 -4.72 -15.36 7.25
C LEU A 95 -6.20 -15.16 6.91
N ARG A 96 -6.63 -15.62 5.74
CA ARG A 96 -8.05 -15.56 5.29
C ARG A 96 -8.34 -16.90 4.63
N GLU A 97 -9.60 -17.30 4.52
CA GLU A 97 -9.98 -18.61 3.93
C GLU A 97 -9.41 -18.69 2.52
N GLY A 98 -9.20 -17.55 1.87
CA GLY A 98 -8.70 -17.50 0.49
C GLY A 98 -7.18 -17.41 0.40
N ASN A 99 -6.48 -17.58 1.52
CA ASN A 99 -4.98 -17.57 1.51
C ASN A 99 -4.38 -18.62 2.45
N ILE A 100 -5.14 -19.19 3.39
CA ILE A 100 -4.58 -20.13 4.41
C ILE A 100 -3.75 -21.21 3.72
N MET A 101 -4.26 -21.85 2.66
CA MET A 101 -3.57 -22.99 2.00
C MET A 101 -2.27 -22.49 1.35
N ALA A 102 -2.31 -21.38 0.63
CA ALA A 102 -1.13 -20.79 -0.04
C ALA A 102 -0.12 -20.39 1.04
N VAL A 103 -0.56 -19.81 2.15
CA VAL A 103 0.33 -19.31 3.24
C VAL A 103 0.94 -20.51 3.96
N MET A 104 0.19 -21.60 4.13
CA MET A 104 0.69 -22.80 4.88
C MET A 104 1.69 -23.55 4.01
N ALA A 105 1.47 -23.61 2.70
CA ALA A 105 2.39 -24.29 1.76
C ALA A 105 3.66 -23.47 1.63
N THR A 106 3.54 -22.13 1.59
CA THR A 106 4.70 -21.27 1.47
C THR A 106 5.51 -21.26 2.77
N ALA A 107 4.84 -21.30 3.91
CA ALA A 107 5.55 -21.38 5.18
C ALA A 107 6.32 -22.69 5.29
N MET A 108 5.74 -23.79 4.79
CA MET A 108 6.47 -25.05 4.74
C MET A 108 7.76 -24.89 3.95
N TYR A 109 7.65 -24.31 2.76
CA TYR A 109 8.81 -24.11 1.90
C TYR A 109 9.88 -23.27 2.60
N LEU A 110 9.48 -22.19 3.23
CA LEU A 110 10.41 -21.30 3.93
C LEU A 110 10.87 -21.85 5.27
N GLN A 111 10.38 -23.02 5.66
CA GLN A 111 10.79 -23.67 6.93
C GLN A 111 10.46 -22.74 8.10
N MET A 112 9.26 -22.18 8.13
CA MET A 112 8.77 -21.35 9.26
C MET A 112 7.83 -22.28 10.04
N GLU A 113 8.38 -23.25 10.77
CA GLU A 113 7.57 -24.32 11.42
C GLU A 113 6.47 -23.78 12.33
N HIS A 114 6.71 -22.69 13.06
CA HIS A 114 5.67 -22.20 14.01
C HIS A 114 4.49 -21.60 13.24
N VAL A 115 4.72 -21.10 12.02
CA VAL A 115 3.63 -20.52 11.18
C VAL A 115 2.84 -21.68 10.55
N VAL A 116 3.49 -22.79 10.22
CA VAL A 116 2.82 -23.99 9.64
C VAL A 116 1.96 -24.61 10.75
N ASP A 117 2.49 -24.69 11.97
CA ASP A 117 1.74 -25.22 13.11
C ASP A 117 0.51 -24.38 13.39
N THR A 118 0.65 -23.05 13.30
CA THR A 118 -0.49 -22.18 13.57
C THR A 118 -1.52 -22.29 12.45
N CYS A 119 -1.05 -22.47 11.21
CA CYS A 119 -1.94 -22.67 10.04
C CYS A 119 -2.70 -23.98 10.25
N ARG A 120 -2.11 -24.94 10.98
CA ARG A 120 -2.79 -26.19 11.30
C ARG A 120 -3.82 -25.99 12.39
N LYS A 121 -3.43 -25.36 13.50
CA LYS A 121 -4.40 -24.98 14.51
C LYS A 121 -5.50 -24.12 13.90
N PHE A 122 -5.17 -23.30 12.90
CA PHE A 122 -6.14 -22.40 12.24
C PHE A 122 -7.16 -23.22 11.47
N ILE A 123 -6.72 -24.12 10.60
CA ILE A 123 -7.62 -24.96 9.74
C ILE A 123 -8.47 -25.85 10.65
N LYS A 124 -7.96 -26.21 11.83
CA LYS A 124 -8.68 -27.04 12.78
C LYS A 124 -9.90 -26.32 13.36
N ALA A 125 -10.06 -25.05 12.99
CA ALA A 125 -11.22 -24.27 13.42
C ALA A 125 -11.60 -23.31 12.28
N SER A 126 -11.75 -23.84 11.07
CA SER A 126 -12.06 -23.05 9.90
C SER A 126 -13.12 -23.74 9.04
N SER B 5 -29.57 1.58 -4.37
CA SER B 5 -28.53 1.14 -5.33
C SER B 5 -27.13 1.45 -4.80
N GLN B 6 -26.90 2.65 -4.26
CA GLN B 6 -25.57 3.13 -3.81
C GLN B 6 -25.06 2.40 -2.57
N ILE B 7 -24.40 1.26 -2.76
CA ILE B 7 -23.83 0.44 -1.65
C ILE B 7 -22.50 1.07 -1.23
N GLN B 8 -22.33 1.37 0.05
CA GLN B 8 -21.12 2.01 0.53
C GLN B 8 -20.21 0.94 1.14
N PHE B 9 -18.97 0.86 0.65
CA PHE B 9 -17.93 -0.07 1.18
C PHE B 9 -17.17 0.75 2.22
N THR B 10 -17.46 0.57 3.51
CA THR B 10 -16.92 1.44 4.55
C THR B 10 -15.43 1.20 4.80
N ARG B 11 -14.90 0.08 4.34
CA ARG B 11 -13.48 -0.24 4.50
C ARG B 11 -12.67 0.08 3.25
N HIS B 12 -13.33 0.46 2.15
CA HIS B 12 -12.66 0.66 0.84
C HIS B 12 -11.55 1.71 0.92
N ALA B 13 -11.84 2.90 1.43
CA ALA B 13 -10.83 3.98 1.42
C ALA B 13 -9.59 3.57 2.19
N SER B 14 -9.77 2.95 3.36
CA SER B 14 -8.61 2.53 4.14
CA SER B 14 -8.65 2.49 4.17
C SER B 14 -7.85 1.41 3.43
N ASP B 15 -8.54 0.51 2.73
CA ASP B 15 -7.90 -0.59 1.95
C ASP B 15 -7.12 0.04 0.80
N VAL B 16 -7.67 1.06 0.15
CA VAL B 16 -7.00 1.78 -0.95
C VAL B 16 -5.70 2.38 -0.40
N LEU B 17 -5.77 3.10 0.73
CA LEU B 17 -4.60 3.78 1.28
C LEU B 17 -3.53 2.77 1.69
N LEU B 18 -3.95 1.65 2.29
CA LEU B 18 -3.01 0.61 2.69
C LEU B 18 -2.24 0.09 1.48
N ASN B 19 -2.96 -0.18 0.40
CA ASN B 19 -2.34 -0.68 -0.85
C ASN B 19 -1.44 0.40 -1.42
N LEU B 20 -1.84 1.67 -1.35
CA LEU B 20 -0.96 2.75 -1.79
C LEU B 20 0.32 2.78 -0.97
N ASN B 21 0.20 2.57 0.35
CA ASN B 21 1.40 2.46 1.17
C ASN B 21 2.23 1.25 0.77
N ARG B 22 1.57 0.14 0.44
CA ARG B 22 2.28 -1.10 0.00
C ARG B 22 3.06 -0.77 -1.26
N LEU B 23 2.44 -0.04 -2.20
CA LEU B 23 3.11 0.38 -3.46
C LEU B 23 4.33 1.26 -3.12
N ARG B 24 4.16 2.26 -2.24
CA ARG B 24 5.28 3.11 -1.86
C ARG B 24 6.41 2.28 -1.27
N SER B 25 6.07 1.31 -0.43
CA SER B 25 7.08 0.50 0.25
C SER B 25 7.95 -0.26 -0.75
N ARG B 26 7.41 -0.56 -1.92
CA ARG B 26 8.14 -1.32 -2.97
C ARG B 26 8.59 -0.39 -4.10
N ASP B 27 8.43 0.93 -3.94
CA ASP B 27 8.88 1.88 -4.95
C ASP B 27 8.15 1.69 -6.27
N ILE B 28 6.89 1.26 -6.20
CA ILE B 28 6.06 1.02 -7.42
C ILE B 28 5.31 2.30 -7.78
N LEU B 29 5.66 2.93 -8.90
CA LEU B 29 5.00 4.11 -9.44
C LEU B 29 5.19 5.37 -8.60
N THR B 30 6.08 5.33 -7.62
CA THR B 30 6.50 6.57 -6.97
C THR B 30 7.15 7.48 -8.00
N ASP B 31 6.84 8.77 -7.94
CA ASP B 31 7.25 9.69 -8.99
C ASP B 31 7.92 10.95 -8.47
N VAL B 32 8.28 11.02 -7.19
CA VAL B 32 8.97 12.18 -6.67
C VAL B 32 9.84 11.75 -5.49
N VAL B 33 10.98 12.41 -5.35
CA VAL B 33 11.80 12.34 -4.15
C VAL B 33 11.68 13.67 -3.42
N ILE B 34 11.47 13.61 -2.12
CA ILE B 34 11.43 14.79 -1.27
C ILE B 34 12.71 14.81 -0.46
N VAL B 35 13.50 15.86 -0.62
CA VAL B 35 14.76 16.04 0.09
C VAL B 35 14.54 16.98 1.26
N VAL B 36 14.85 16.49 2.46
CA VAL B 36 14.67 17.24 3.70
C VAL B 36 16.01 17.21 4.43
N SER B 37 16.82 18.26 4.24
CA SER B 37 18.16 18.31 4.80
C SER B 37 18.94 17.07 4.37
N ARG B 38 19.28 16.17 5.30
CA ARG B 38 20.13 15.04 4.97
C ARG B 38 19.37 13.82 4.47
N GLU B 39 18.05 13.79 4.61
CA GLU B 39 17.26 12.60 4.28
C GLU B 39 16.49 12.79 2.99
N GLN B 40 16.17 11.66 2.35
CA GLN B 40 15.38 11.61 1.13
C GLN B 40 14.18 10.70 1.34
N PHE B 41 13.06 11.02 0.69
CA PHE B 41 11.84 10.24 0.81
C PHE B 41 11.19 10.13 -0.57
N ARG B 42 10.88 8.90 -1.00
CA ARG B 42 10.13 8.71 -2.23
C ARG B 42 8.64 8.58 -1.90
N ALA B 43 7.81 9.08 -2.81
CA ALA B 43 6.38 9.17 -2.56
C ALA B 43 5.64 9.25 -3.89
N HIS B 44 4.31 9.22 -3.80
CA HIS B 44 3.43 9.46 -4.94
C HIS B 44 2.92 10.88 -4.87
N LYS B 45 3.14 11.67 -5.93
CA LYS B 45 2.67 13.04 -5.95
C LYS B 45 1.19 13.13 -5.62
N THR B 46 0.37 12.22 -6.16
CA THR B 46 -1.06 12.28 -5.93
C THR B 46 -1.38 12.21 -4.44
N VAL B 47 -0.71 11.33 -3.71
CA VAL B 47 -0.96 11.21 -2.28
C VAL B 47 -0.50 12.47 -1.56
N LEU B 48 0.63 13.05 -1.97
CA LEU B 48 1.09 14.29 -1.37
C LEU B 48 0.09 15.41 -1.60
N MET B 49 -0.40 15.56 -2.84
CA MET B 49 -1.39 16.59 -3.10
C MET B 49 -2.67 16.34 -2.33
N ALA B 50 -3.04 15.08 -2.12
CA ALA B 50 -4.29 14.79 -1.41
C ALA B 50 -4.18 15.10 0.07
N CYS B 51 -2.96 15.18 0.60
CA CYS B 51 -2.75 15.29 2.04
C CYS B 51 -2.10 16.58 2.50
N SER B 52 -1.69 17.46 1.59
CA SER B 52 -0.90 18.62 1.99
C SER B 52 -1.21 19.82 1.12
N GLY B 53 -1.53 20.94 1.76
CA GLY B 53 -1.77 22.17 1.02
C GLY B 53 -0.54 22.64 0.26
N LEU B 54 0.64 22.50 0.86
CA LEU B 54 1.88 22.84 0.17
C LEU B 54 2.06 22.00 -1.09
N PHE B 55 2.02 20.67 -0.95
CA PHE B 55 2.25 19.83 -2.11
C PHE B 55 1.15 19.99 -3.16
N TYR B 56 -0.08 20.22 -2.73
CA TYR B 56 -1.13 20.51 -3.70
C TYR B 56 -0.81 21.75 -4.52
N SER B 57 -0.42 22.84 -3.84
CA SER B 57 -0.14 24.09 -4.54
C SER B 57 1.02 23.91 -5.50
N ILE B 58 2.07 23.19 -5.08
CA ILE B 58 3.22 22.96 -5.95
C ILE B 58 2.78 22.24 -7.23
N PHE B 59 2.17 21.07 -7.08
CA PHE B 59 2.00 20.19 -8.23
C PHE B 59 0.78 20.51 -9.08
N THR B 60 -0.19 21.27 -8.57
CA THR B 60 -1.31 21.64 -9.43
C THR B 60 -0.87 22.65 -10.49
N ASP B 61 0.22 23.38 -10.23
CA ASP B 61 0.84 24.28 -11.17
C ASP B 61 1.52 23.49 -12.28
N GLN B 62 1.00 23.58 -13.51
CA GLN B 62 1.60 22.82 -14.60
C GLN B 62 3.06 23.15 -14.84
N LEU B 63 3.55 24.26 -14.28
CA LEU B 63 4.97 24.58 -14.38
C LEU B 63 5.81 23.70 -13.47
N LYS B 64 5.21 23.16 -12.41
CA LYS B 64 5.92 22.35 -11.43
C LYS B 64 5.46 20.90 -11.43
N ARG B 65 4.43 20.57 -12.20
CA ARG B 65 3.74 19.30 -12.01
C ARG B 65 4.67 18.12 -12.25
N ASN B 66 5.54 18.21 -13.24
CA ASN B 66 6.35 17.07 -13.65
C ASN B 66 7.72 17.05 -13.00
N LEU B 67 7.92 17.83 -11.94
CA LEU B 67 9.16 17.79 -11.19
C LEU B 67 9.35 16.42 -10.55
N SER B 68 10.59 15.93 -10.58
CA SER B 68 10.90 14.63 -9.99
C SER B 68 11.56 14.75 -8.61
N VAL B 69 12.02 15.94 -8.23
CA VAL B 69 12.71 16.15 -6.97
C VAL B 69 12.24 17.47 -6.37
N ILE B 70 11.87 17.43 -5.08
CA ILE B 70 11.48 18.63 -4.34
C ILE B 70 12.44 18.76 -3.17
N ASN B 71 13.10 19.91 -3.06
CA ASN B 71 13.90 20.23 -1.89
C ASN B 71 13.05 21.06 -0.94
N LEU B 72 12.79 20.53 0.25
CA LEU B 72 12.04 21.29 1.23
C LEU B 72 12.98 22.22 1.99
N ASP B 73 12.38 23.19 2.68
CA ASP B 73 13.10 24.11 3.53
C ASP B 73 14.09 23.32 4.39
N PRO B 74 15.40 23.60 4.29
CA PRO B 74 16.37 22.81 5.06
C PRO B 74 16.27 22.99 6.57
N GLU B 75 15.46 23.92 7.04
CA GLU B 75 15.23 24.05 8.48
C GLU B 75 14.19 23.07 8.98
N ILE B 76 13.52 22.35 8.07
CA ILE B 76 12.49 21.40 8.46
C ILE B 76 13.15 20.16 9.07
N ASN B 77 12.60 19.70 10.17
CA ASN B 77 13.15 18.55 10.89
C ASN B 77 12.84 17.28 10.12
N PRO B 78 13.84 16.50 9.69
CA PRO B 78 13.52 15.29 8.90
C PRO B 78 12.63 14.33 9.65
N GLU B 79 12.83 14.16 10.95
CA GLU B 79 12.01 13.25 11.72
C GLU B 79 10.54 13.68 11.67
N GLY B 80 10.29 14.97 11.87
CA GLY B 80 8.93 15.46 11.77
C GLY B 80 8.31 15.20 10.41
N PHE B 81 9.08 15.40 9.35
CA PHE B 81 8.56 15.07 8.03
C PHE B 81 8.30 13.58 7.90
N ASN B 82 9.26 12.75 8.31
CA ASN B 82 9.07 11.30 8.30
C ASN B 82 7.76 10.92 8.96
N ILE B 83 7.50 11.48 10.13
CA ILE B 83 6.28 11.16 10.87
C ILE B 83 5.04 11.56 10.06
N LEU B 84 5.09 12.72 9.41
CA LEU B 84 3.93 13.18 8.66
C LEU B 84 3.74 12.43 7.36
N LEU B 85 4.83 12.04 6.69
CA LEU B 85 4.69 11.20 5.51
C LEU B 85 4.09 9.84 5.87
N ASP B 86 4.52 9.25 6.98
CA ASP B 86 3.94 7.97 7.45
C ASP B 86 2.45 8.18 7.72
N PHE B 87 2.08 9.29 8.36
CA PHE B 87 0.66 9.62 8.65
C PHE B 87 -0.12 9.69 7.34
N MET B 88 0.45 10.33 6.32
CA MET B 88 -0.22 10.49 5.04
C MET B 88 -0.67 9.16 4.49
N TYR B 89 0.17 8.13 4.63
CA TYR B 89 -0.05 6.83 4.03
C TYR B 89 -0.70 5.82 4.98
N THR B 90 -0.91 6.18 6.25
CA THR B 90 -1.41 5.22 7.27
C THR B 90 -2.60 5.74 8.07
N SER B 91 -2.83 7.06 8.13
CA SER B 91 -3.90 7.67 8.95
C SER B 91 -3.54 7.62 10.43
N ARG B 92 -2.29 7.27 10.77
CA ARG B 92 -1.81 7.19 12.18
C ARG B 92 -0.71 8.23 12.42
N LEU B 93 -0.90 9.12 13.40
CA LEU B 93 0.07 10.19 13.74
C LEU B 93 0.78 9.80 15.04
N ASN B 94 2.07 9.48 14.97
CA ASN B 94 2.87 9.08 16.15
C ASN B 94 3.44 10.33 16.82
N LEU B 95 2.74 10.87 17.81
CA LEU B 95 3.19 12.04 18.55
C LEU B 95 3.81 11.61 19.88
N ARG B 96 4.89 12.29 20.27
CA ARG B 96 5.56 12.06 21.54
C ARG B 96 6.04 13.43 22.01
N GLU B 97 6.09 13.64 23.33
CA GLU B 97 6.49 14.96 23.82
C GLU B 97 7.84 15.35 23.24
N GLY B 98 8.69 14.36 22.94
CA GLY B 98 9.99 14.62 22.36
C GLY B 98 9.94 15.15 20.93
N ASN B 99 8.84 14.91 20.21
CA ASN B 99 8.74 15.37 18.84
C ASN B 99 7.50 16.21 18.55
N ILE B 100 6.68 16.53 19.55
CA ILE B 100 5.42 17.25 19.30
C ILE B 100 5.69 18.56 18.59
N MET B 101 6.62 19.37 19.10
CA MET B 101 6.88 20.67 18.50
C MET B 101 7.37 20.55 17.06
N ALA B 102 8.27 19.59 16.79
CA ALA B 102 8.78 19.45 15.43
C ALA B 102 7.69 19.00 14.47
N VAL B 103 6.85 18.05 14.89
CA VAL B 103 5.75 17.60 14.04
C VAL B 103 4.77 18.73 13.78
N MET B 104 4.52 19.55 14.79
CA MET B 104 3.54 20.62 14.65
C MET B 104 4.06 21.69 13.70
N ALA B 105 5.32 22.11 13.87
CA ALA B 105 5.87 23.12 12.97
C ALA B 105 5.98 22.59 11.54
N THR B 106 6.36 21.33 11.39
CA THR B 106 6.41 20.73 10.06
C THR B 106 5.02 20.65 9.44
N ALA B 107 4.01 20.32 10.25
CA ALA B 107 2.64 20.26 9.75
C ALA B 107 2.18 21.63 9.28
N MET B 108 2.58 22.68 9.98
CA MET B 108 2.20 24.02 9.56
C MET B 108 2.79 24.33 8.18
N TYR B 109 4.07 24.02 8.01
CA TYR B 109 4.76 24.25 6.74
C TYR B 109 4.10 23.49 5.60
N LEU B 110 3.78 22.22 5.82
CA LEU B 110 3.12 21.42 4.81
C LEU B 110 1.65 21.76 4.63
N GLN B 111 1.11 22.65 5.45
CA GLN B 111 -0.30 23.03 5.39
C GLN B 111 -1.19 21.80 5.58
N MET B 112 -0.94 21.07 6.66
CA MET B 112 -1.80 19.96 7.07
C MET B 112 -2.53 20.43 8.34
N GLU B 113 -3.58 21.23 8.13
CA GLU B 113 -4.27 21.95 9.22
C GLU B 113 -4.85 21.05 10.30
N HIS B 114 -5.38 19.90 9.94
CA HIS B 114 -5.97 19.05 10.97
C HIS B 114 -4.91 18.37 11.82
N VAL B 115 -3.73 18.09 11.26
CA VAL B 115 -2.64 17.64 12.11
C VAL B 115 -2.23 18.75 13.08
N VAL B 116 -2.14 19.99 12.58
CA VAL B 116 -1.78 21.11 13.46
C VAL B 116 -2.77 21.22 14.61
N ASP B 117 -4.07 21.19 14.29
CA ASP B 117 -5.09 21.27 15.34
C ASP B 117 -4.91 20.14 16.35
N THR B 118 -4.58 18.94 15.87
CA THR B 118 -4.35 17.81 16.77
C THR B 118 -3.10 18.02 17.62
N CYS B 119 -2.07 18.65 17.06
CA CYS B 119 -0.91 18.98 17.87
C CYS B 119 -1.27 19.97 18.96
N ARG B 120 -2.10 20.97 18.63
CA ARG B 120 -2.60 21.91 19.64
C ARG B 120 -3.33 21.17 20.75
N LYS B 121 -4.09 20.14 20.41
CA LYS B 121 -4.78 19.37 21.44
C LYS B 121 -3.82 18.52 22.24
N PHE B 122 -2.80 17.95 21.59
CA PHE B 122 -1.77 17.22 22.31
C PHE B 122 -1.08 18.13 23.32
N ILE B 123 -0.73 19.34 22.89
CA ILE B 123 -0.15 20.33 23.80
C ILE B 123 -1.12 20.65 24.92
N LYS B 124 -2.42 20.76 24.60
CA LYS B 124 -3.41 21.08 25.61
C LYS B 124 -3.49 19.99 26.67
N ALA B 125 -3.57 18.74 26.23
CA ALA B 125 -3.70 17.61 27.14
C ALA B 125 -2.42 17.29 27.91
N SER B 126 -1.36 18.04 27.70
CA SER B 126 -0.04 17.66 28.22
C SER B 126 0.48 18.65 29.25
N SER C 5 -0.46 9.17 21.97
CA SER C 5 0.77 8.84 21.25
C SER C 5 0.49 8.48 19.79
N GLN C 6 -0.16 7.33 19.54
CA GLN C 6 -0.53 6.91 18.16
C GLN C 6 -1.97 7.35 17.89
N ILE C 7 -2.17 8.53 17.30
CA ILE C 7 -3.52 9.10 17.06
C ILE C 7 -4.01 8.62 15.70
N GLN C 8 -5.22 8.08 15.64
CA GLN C 8 -5.81 7.58 14.38
C GLN C 8 -6.79 8.61 13.84
N PHE C 9 -6.54 9.16 12.65
CA PHE C 9 -7.47 10.09 11.97
C PHE C 9 -8.47 9.22 11.24
N THR C 10 -9.67 9.08 11.79
CA THR C 10 -10.65 8.14 11.27
C THR C 10 -11.28 8.54 9.96
N ARG C 11 -11.10 9.79 9.51
CA ARG C 11 -11.61 10.19 8.20
C ARG C 11 -10.49 10.48 7.20
N HIS C 12 -9.23 10.25 7.57
CA HIS C 12 -8.12 10.56 6.67
C HIS C 12 -8.22 9.77 5.37
N ALA C 13 -8.44 8.47 5.46
CA ALA C 13 -8.44 7.64 4.25
C ALA C 13 -9.52 8.08 3.27
N SER C 14 -10.73 8.33 3.79
CA SER C 14 -11.80 8.76 2.90
CA SER C 14 -11.83 8.77 2.94
C SER C 14 -11.53 10.14 2.33
N ASP C 15 -10.87 11.01 3.10
CA ASP C 15 -10.54 12.34 2.58
C ASP C 15 -9.47 12.25 1.50
N VAL C 16 -8.48 11.38 1.69
CA VAL C 16 -7.50 11.14 0.63
C VAL C 16 -8.20 10.65 -0.63
N LEU C 17 -9.09 9.66 -0.49
CA LEU C 17 -9.76 9.12 -1.67
C LEU C 17 -10.58 10.18 -2.38
N LEU C 18 -11.33 10.99 -1.62
CA LEU C 18 -12.08 12.09 -2.24
C LEU C 18 -11.15 13.01 -3.03
N ASN C 19 -9.97 13.30 -2.49
CA ASN C 19 -9.06 14.23 -3.16
C ASN C 19 -8.45 13.58 -4.40
N LEU C 20 -8.14 12.27 -4.32
CA LEU C 20 -7.75 11.54 -5.52
C LEU C 20 -8.84 11.60 -6.59
N ASN C 21 -10.10 11.48 -6.18
CA ASN C 21 -11.21 11.59 -7.13
C ASN C 21 -11.28 12.98 -7.71
N ARG C 22 -10.99 14.01 -6.90
CA ARG C 22 -10.96 15.37 -7.42
C ARG C 22 -9.86 15.56 -8.44
N LEU C 23 -8.66 15.04 -8.14
CA LEU C 23 -7.57 15.09 -9.10
C LEU C 23 -7.96 14.39 -10.40
N ARG C 24 -8.62 13.23 -10.30
CA ARG C 24 -9.02 12.51 -11.50
C ARG C 24 -9.97 13.35 -12.35
N SER C 25 -11.00 13.91 -11.71
CA SER C 25 -11.98 14.73 -12.43
C SER C 25 -11.34 15.87 -13.19
N ARG C 26 -10.13 16.28 -12.80
CA ARG C 26 -9.42 17.37 -13.44
C ARG C 26 -8.26 16.87 -14.28
N ASP C 27 -8.12 15.56 -14.42
CA ASP C 27 -7.06 14.96 -15.23
C ASP C 27 -5.67 15.37 -14.73
N ILE C 28 -5.55 15.59 -13.43
CA ILE C 28 -4.27 15.95 -12.83
C ILE C 28 -3.53 14.68 -12.46
N LEU C 29 -2.35 14.49 -13.06
CA LEU C 29 -1.43 13.39 -12.81
C LEU C 29 -2.01 12.03 -13.16
N THR C 30 -3.12 11.98 -13.90
CA THR C 30 -3.54 10.74 -14.52
C THR C 30 -2.46 10.28 -15.48
N ASP C 31 -2.25 8.96 -15.55
CA ASP C 31 -1.13 8.45 -16.33
C ASP C 31 -1.50 7.27 -17.22
N VAL C 32 -2.78 6.98 -17.42
CA VAL C 32 -3.17 5.87 -18.28
C VAL C 32 -4.58 6.13 -18.79
N VAL C 33 -4.84 5.70 -20.03
CA VAL C 33 -6.18 5.68 -20.59
CA VAL C 33 -6.18 5.68 -20.61
C VAL C 33 -6.58 4.23 -20.75
N ILE C 34 -7.74 3.88 -20.21
CA ILE C 34 -8.28 2.53 -20.32
C ILE C 34 -9.28 2.53 -21.46
N VAL C 35 -9.02 1.70 -22.46
CA VAL C 35 -9.89 1.61 -23.63
C VAL C 35 -10.78 0.38 -23.47
N VAL C 36 -12.09 0.60 -23.55
CA VAL C 36 -13.08 -0.47 -23.41
C VAL C 36 -13.94 -0.40 -24.68
N SER C 37 -13.50 -1.09 -25.74
CA SER C 37 -14.17 -1.02 -27.03
C SER C 37 -14.06 0.41 -27.56
N ARG C 38 -15.19 1.12 -27.65
CA ARG C 38 -15.15 2.48 -28.19
C ARG C 38 -15.04 3.55 -27.11
N GLU C 39 -15.11 3.17 -25.83
CA GLU C 39 -15.11 4.13 -24.72
C GLU C 39 -13.70 4.24 -24.14
N GLN C 40 -13.34 5.45 -23.70
CA GLN C 40 -12.05 5.71 -23.08
C GLN C 40 -12.26 6.29 -21.68
N PHE C 41 -11.38 5.90 -20.76
CA PHE C 41 -11.41 6.37 -19.38
C PHE C 41 -9.99 6.67 -18.92
N ARG C 42 -9.78 7.85 -18.35
CA ARG C 42 -8.50 8.22 -17.76
C ARG C 42 -8.50 7.95 -16.27
N ALA C 43 -7.35 7.52 -15.75
CA ALA C 43 -7.26 7.11 -14.35
C ALA C 43 -5.81 7.23 -13.88
N HIS C 44 -5.63 7.01 -12.58
CA HIS C 44 -4.31 6.88 -11.98
C HIS C 44 -3.99 5.40 -11.85
N LYS C 45 -2.86 4.97 -12.42
CA LYS C 45 -2.47 3.57 -12.30
C LYS C 45 -2.46 3.13 -10.84
N THR C 46 -1.93 3.97 -9.94
CA THR C 46 -1.79 3.56 -8.55
C THR C 46 -3.14 3.22 -7.93
N VAL C 47 -4.16 4.02 -8.22
CA VAL C 47 -5.49 3.71 -7.71
C VAL C 47 -6.02 2.43 -8.32
N LEU C 48 -5.81 2.25 -9.63
CA LEU C 48 -6.27 1.02 -10.34
C LEU C 48 -5.59 -0.20 -9.70
N MET C 49 -4.28 -0.11 -9.39
CA MET C 49 -3.51 -1.23 -8.81
C MET C 49 -3.98 -1.51 -7.38
N ALA C 50 -4.46 -0.49 -6.66
CA ALA C 50 -4.90 -0.64 -5.25
C ALA C 50 -6.32 -1.19 -5.20
N CYS C 51 -7.06 -1.21 -6.30
CA CYS C 51 -8.50 -1.63 -6.31
C CYS C 51 -8.76 -2.87 -7.18
N SER C 52 -7.82 -3.32 -8.00
CA SER C 52 -8.05 -4.42 -8.97
C SER C 52 -6.84 -5.35 -9.08
N GLY C 53 -7.04 -6.65 -8.94
CA GLY C 53 -5.97 -7.65 -9.11
C GLY C 53 -5.48 -7.63 -10.54
N LEU C 54 -6.37 -7.39 -11.51
CA LEU C 54 -6.01 -7.35 -12.95
C LEU C 54 -5.07 -6.17 -13.20
N PHE C 55 -5.46 -4.95 -12.82
CA PHE C 55 -4.65 -3.74 -13.05
C PHE C 55 -3.38 -3.85 -12.22
N TYR C 56 -3.47 -4.39 -11.01
CA TYR C 56 -2.28 -4.62 -10.17
C TYR C 56 -1.34 -5.52 -10.97
N SER C 57 -1.86 -6.58 -11.58
CA SER C 57 -1.07 -7.56 -12.37
C SER C 57 -0.52 -6.93 -13.65
N ILE C 58 -1.21 -5.95 -14.24
CA ILE C 58 -0.81 -5.31 -15.52
C ILE C 58 0.31 -4.31 -15.26
N PHE C 59 0.20 -3.50 -14.21
CA PHE C 59 1.17 -2.40 -13.97
C PHE C 59 2.38 -2.88 -13.13
N THR C 60 2.28 -3.96 -12.36
CA THR C 60 3.44 -4.53 -11.61
C THR C 60 4.40 -5.17 -12.60
N ASP C 61 3.92 -5.62 -13.75
CA ASP C 61 4.75 -6.26 -14.79
C ASP C 61 5.68 -5.21 -15.39
N GLN C 62 7.00 -5.36 -15.24
CA GLN C 62 8.00 -4.43 -15.82
C GLN C 62 7.69 -4.26 -17.31
N LEU C 63 7.10 -5.27 -17.97
CA LEU C 63 6.77 -5.18 -19.38
C LEU C 63 5.71 -4.12 -19.63
N LYS C 64 4.67 -4.03 -18.80
CA LYS C 64 3.55 -3.09 -19.07
C LYS C 64 3.47 -1.96 -18.05
N ARG C 65 4.37 -1.87 -17.07
CA ARG C 65 4.16 -0.86 -16.04
C ARG C 65 4.13 0.56 -16.61
N ASN C 66 4.79 0.80 -17.74
CA ASN C 66 4.99 2.15 -18.23
C ASN C 66 4.14 2.47 -19.46
N LEU C 67 3.12 1.67 -19.73
CA LEU C 67 2.21 1.98 -20.83
C LEU C 67 1.23 3.07 -20.46
N SER C 68 0.93 3.92 -21.44
CA SER C 68 -0.04 4.99 -21.29
C SER C 68 -1.43 4.62 -21.80
N VAL C 69 -1.57 3.53 -22.56
CA VAL C 69 -2.87 3.07 -23.04
C VAL C 69 -2.98 1.58 -22.74
N ILE C 70 -4.13 1.19 -22.17
CA ILE C 70 -4.46 -0.20 -21.93
C ILE C 70 -5.79 -0.49 -22.61
N ASN C 71 -5.79 -1.44 -23.52
CA ASN C 71 -7.00 -1.90 -24.18
C ASN C 71 -7.51 -3.12 -23.44
N LEU C 72 -8.68 -2.99 -22.82
CA LEU C 72 -9.30 -4.14 -22.19
C LEU C 72 -10.04 -4.95 -23.25
N ASP C 73 -10.39 -6.17 -22.88
CA ASP C 73 -11.24 -7.02 -23.71
C ASP C 73 -12.40 -6.23 -24.28
N PRO C 74 -12.54 -6.19 -25.61
CA PRO C 74 -13.70 -5.48 -26.20
C PRO C 74 -15.05 -5.96 -25.71
N GLU C 75 -15.12 -7.17 -25.16
CA GLU C 75 -16.39 -7.74 -24.76
C GLU C 75 -16.91 -7.17 -23.44
N ILE C 76 -16.06 -6.43 -22.72
CA ILE C 76 -16.45 -5.88 -21.43
C ILE C 76 -17.46 -4.76 -21.65
N ASN C 77 -18.51 -4.75 -20.84
CA ASN C 77 -19.56 -3.75 -20.99
C ASN C 77 -19.04 -2.44 -20.41
N PRO C 78 -18.96 -1.36 -21.20
CA PRO C 78 -18.30 -0.14 -20.69
C PRO C 78 -19.03 0.51 -19.54
N GLU C 79 -20.36 0.43 -19.48
CA GLU C 79 -21.07 0.99 -18.33
C GLU C 79 -20.69 0.25 -17.05
N GLY C 80 -20.61 -1.08 -17.12
CA GLY C 80 -20.13 -1.84 -15.98
C GLY C 80 -18.75 -1.38 -15.54
N PHE C 81 -17.84 -1.19 -16.51
CA PHE C 81 -16.52 -0.71 -16.14
C PHE C 81 -16.60 0.67 -15.48
N ASN C 82 -17.37 1.58 -16.08
CA ASN C 82 -17.53 2.92 -15.51
C ASN C 82 -18.05 2.86 -14.09
N ILE C 83 -19.02 1.99 -13.82
CA ILE C 83 -19.56 1.85 -12.47
C ILE C 83 -18.46 1.44 -11.50
N LEU C 84 -17.57 0.56 -11.94
CA LEU C 84 -16.53 0.05 -11.08
C LEU C 84 -15.40 1.05 -10.91
N LEU C 85 -15.08 1.78 -11.98
CA LEU C 85 -14.11 2.87 -11.87
C LEU C 85 -14.57 3.91 -10.87
N ASP C 86 -15.84 4.32 -10.95
CA ASP C 86 -16.37 5.26 -9.97
C ASP C 86 -16.31 4.68 -8.57
N PHE C 87 -16.56 3.37 -8.45
CA PHE C 87 -16.49 2.69 -7.13
C PHE C 87 -15.06 2.80 -6.58
N MET C 88 -14.06 2.62 -7.44
CA MET C 88 -12.67 2.71 -7.00
C MET C 88 -12.38 4.03 -6.32
N TYR C 89 -12.93 5.11 -6.86
CA TYR C 89 -12.60 6.47 -6.43
C TYR C 89 -13.57 7.02 -5.39
N THR C 90 -14.63 6.30 -5.06
CA THR C 90 -15.69 6.82 -4.20
C THR C 90 -16.11 5.90 -3.07
N SER C 91 -15.82 4.60 -3.14
CA SER C 91 -16.31 3.58 -2.20
C SER C 91 -17.78 3.29 -2.38
N ARG C 92 -18.43 3.85 -3.40
CA ARG C 92 -19.86 3.68 -3.63
C ARG C 92 -20.09 2.86 -4.89
N LEU C 93 -20.86 1.78 -4.77
CA LEU C 93 -21.11 0.84 -5.86
C LEU C 93 -22.59 0.94 -6.23
N ASN C 94 -22.86 1.43 -7.44
CA ASN C 94 -24.21 1.72 -7.90
C ASN C 94 -24.77 0.47 -8.59
N LEU C 95 -25.33 -0.43 -7.77
CA LEU C 95 -25.88 -1.69 -8.26
C LEU C 95 -27.38 -1.58 -8.46
N ARG C 96 -27.90 -2.25 -9.48
CA ARG C 96 -29.34 -2.33 -9.67
C ARG C 96 -29.63 -3.50 -10.59
N GLU C 97 -30.88 -3.96 -10.56
CA GLU C 97 -31.26 -5.15 -11.31
C GLU C 97 -30.82 -5.06 -12.77
N GLY C 98 -30.92 -3.87 -13.36
CA GLY C 98 -30.61 -3.70 -14.77
C GLY C 98 -29.13 -3.67 -15.09
N ASN C 99 -28.26 -3.58 -14.10
CA ASN C 99 -26.82 -3.59 -14.36
C ASN C 99 -26.07 -4.68 -13.59
N ILE C 100 -26.76 -5.51 -12.80
CA ILE C 100 -26.05 -6.35 -11.84
C ILE C 100 -25.19 -7.38 -12.55
N MET C 101 -25.69 -7.96 -13.64
CA MET C 101 -24.93 -9.04 -14.26
C MET C 101 -23.73 -8.48 -15.00
N ALA C 102 -23.86 -7.30 -15.62
CA ALA C 102 -22.73 -6.66 -16.27
C ALA C 102 -21.68 -6.24 -15.24
N VAL C 103 -22.11 -5.65 -14.13
CA VAL C 103 -21.16 -5.25 -13.09
C VAL C 103 -20.42 -6.46 -12.54
N MET C 104 -21.16 -7.55 -12.27
CA MET C 104 -20.54 -8.69 -11.61
C MET C 104 -19.54 -9.39 -12.54
N ALA C 105 -19.88 -9.50 -13.82
CA ALA C 105 -18.94 -10.09 -14.77
C ALA C 105 -17.71 -9.20 -14.96
N THR C 106 -17.91 -7.88 -14.95
CA THR C 106 -16.76 -6.97 -15.09
C THR C 106 -15.90 -7.02 -13.83
N ALA C 107 -16.53 -7.07 -12.66
CA ALA C 107 -15.77 -7.19 -11.42
C ALA C 107 -14.96 -8.48 -11.38
N MET C 108 -15.49 -9.56 -11.95
CA MET C 108 -14.72 -10.79 -12.04
C MET C 108 -13.48 -10.58 -12.90
N TYR C 109 -13.68 -9.98 -14.07
CA TYR C 109 -12.59 -9.76 -15.02
C TYR C 109 -11.54 -8.83 -14.43
N LEU C 110 -11.95 -7.83 -13.68
CA LEU C 110 -11.02 -6.91 -13.04
C LEU C 110 -10.43 -7.47 -11.76
N GLN C 111 -10.88 -8.67 -11.36
CA GLN C 111 -10.39 -9.33 -10.12
C GLN C 111 -10.67 -8.41 -8.93
N MET C 112 -11.90 -7.92 -8.80
CA MET C 112 -12.33 -7.11 -7.63
C MET C 112 -13.17 -8.06 -6.77
N GLU C 113 -12.52 -8.96 -6.03
CA GLU C 113 -13.20 -10.05 -5.28
C GLU C 113 -14.32 -9.55 -4.38
N HIS C 114 -14.12 -8.50 -3.57
CA HIS C 114 -15.12 -8.04 -2.59
C HIS C 114 -16.35 -7.48 -3.33
N VAL C 115 -16.16 -6.91 -4.51
CA VAL C 115 -17.29 -6.41 -5.35
C VAL C 115 -18.07 -7.61 -5.87
N VAL C 116 -17.40 -8.66 -6.35
CA VAL C 116 -18.07 -9.88 -6.80
C VAL C 116 -18.87 -10.50 -5.66
N ASP C 117 -18.26 -10.57 -4.47
CA ASP C 117 -18.97 -11.09 -3.31
C ASP C 117 -20.24 -10.29 -3.03
N THR C 118 -20.13 -8.96 -3.08
CA THR C 118 -21.29 -8.12 -2.82
C THR C 118 -22.34 -8.29 -3.92
N CYS C 119 -21.90 -8.49 -5.16
CA CYS C 119 -22.84 -8.74 -6.24
C CYS C 119 -23.64 -10.02 -5.99
N ARG C 120 -22.97 -11.06 -5.46
CA ARG C 120 -23.66 -12.30 -5.16
C ARG C 120 -24.68 -12.10 -4.05
N LYS C 121 -24.30 -11.40 -2.97
N LYS C 121 -24.29 -11.40 -2.97
CA LYS C 121 -25.29 -11.12 -1.93
CA LYS C 121 -25.23 -11.06 -1.91
C LYS C 121 -26.42 -10.23 -2.45
C LYS C 121 -26.41 -10.27 -2.47
N PHE C 122 -26.14 -9.36 -3.41
CA PHE C 122 -27.20 -8.58 -4.04
C PHE C 122 -28.19 -9.48 -4.75
N ILE C 123 -27.70 -10.51 -5.44
CA ILE C 123 -28.58 -11.48 -6.08
C ILE C 123 -29.36 -12.25 -5.03
N LYS C 124 -28.67 -12.71 -3.98
CA LYS C 124 -29.33 -13.40 -2.88
C LYS C 124 -30.44 -12.56 -2.27
N ALA C 125 -30.28 -11.24 -2.25
CA ALA C 125 -31.26 -10.34 -1.64
C ALA C 125 -32.29 -9.81 -2.63
N SER C 126 -32.27 -10.27 -3.87
CA SER C 126 -33.15 -9.75 -4.91
C SER C 126 -33.65 -10.85 -5.84
O14 E2E D . 16.41 4.06 24.77
C26 E2E D . 10.82 7.36 13.24
C27 E2E D . 11.68 8.52 12.71
C28 E2E D . 9.37 7.82 13.37
C30 E2E D . 8.82 6.88 11.34
C33 E2E D . 13.24 3.55 11.45
C37 E2E D . 15.97 6.50 18.63
C39 E2E D . 15.82 8.73 19.30
C01 E2E D . 15.49 8.33 20.60
C02 E2E D . 15.40 6.97 20.90
C04 E2E D . 15.65 6.02 19.87
C05 E2E D . 15.69 4.60 19.76
C06 E2E D . 15.43 3.62 20.73
C07 E2E D . 14.84 2.43 20.32
C08 E2E D . 14.58 1.44 21.24
C10 E2E D . 14.90 1.62 22.57
C12 E2E D . 15.48 2.81 22.99
C13 E2E D . 15.86 3.06 24.46
C16 E2E D . 15.75 3.81 22.07
C17 E2E D . 16.01 4.31 18.44
C19 E2E D . 16.53 5.54 16.38
C20 E2E D . 15.26 5.45 15.52
C22 E2E D . 14.24 4.69 13.29
C23 E2E D . 13.15 5.56 13.29
C24 E2E D . 12.15 5.36 12.35
C31 E2E D . 10.26 6.52 11.08
C34 E2E D . 14.28 3.68 12.35
F03 E2E D . 15.08 6.60 22.16
N15 E2E D . 15.55 2.08 25.49
N18 E2E D . 16.17 5.44 17.79
N21 E2E D . 15.36 4.82 14.22
N25 E2E D . 10.97 6.22 12.33
N32 E2E D . 12.21 4.38 11.47
N38 E2E D . 16.04 7.82 18.36
O11 E2E D . 14.62 0.60 23.49
O29 E2E D . 8.71 7.99 12.16
O36 E2E D . 14.24 5.90 15.92
CL09 E2E D . 13.83 -0.08 20.68
CL35 E2E D . 15.65 2.55 12.30
H261 E2E D . 11.13 7.11 14.08
H271 E2E D . 11.16 9.06 12.15
H273 E2E D . 12.40 8.18 12.23
H272 E2E D . 11.98 9.03 13.43
H282 E2E D . 8.89 7.18 13.87
H281 E2E D . 9.35 8.64 13.84
H302 E2E D . 8.39 6.16 11.76
H301 E2E D . 8.39 7.07 10.52
H331 E2E D . 13.26 2.86 10.82
H391 E2E D . 15.87 9.63 19.09
H011 E2E D . 15.33 8.97 21.26
H071 E2E D . 14.63 2.31 19.43
H161 E2E D . 16.15 4.60 22.34
H171 E2E D . 16.09 3.46 18.08
H192 E2E D . 16.95 6.36 16.23
H191 E2E D . 17.11 4.84 16.17
H231 E2E D . 13.10 6.25 13.90
H311 E2E D . 10.69 7.23 10.64
H312 E2E D . 10.29 5.75 10.52
H151 E2E D . 15.14 1.34 25.29
H152 E2E D . 15.76 2.24 26.31
H211 E2E D . 16.14 4.52 13.97
H111 E2E D . 13.82 0.62 23.70
C1 GOL E . 22.51 -6.90 6.83
O1 GOL E . 21.50 -7.74 6.36
C2 GOL E . 21.83 -5.66 7.44
O2 GOL E . 20.69 -5.96 8.15
C3 GOL E . 22.95 -5.07 8.31
O3 GOL E . 22.59 -3.77 8.66
H11 GOL E . 23.11 -6.61 6.12
H12 GOL E . 23.07 -7.32 7.50
HO1 GOL E . 21.86 -8.26 5.80
H2 GOL E . 21.52 -5.02 6.77
HO2 GOL E . 20.06 -6.09 7.58
H31 GOL E . 23.78 -5.11 7.81
H32 GOL E . 23.08 -5.65 9.08
HO3 GOL E . 23.21 -3.26 8.38
CL CL F . 7.56 -6.75 -8.70
O14 E2E G . -4.14 17.57 8.28
O14 E2E G . -4.04 17.57 8.23
C26 E2E G . -10.38 21.14 -2.49
C26 E2E G . -10.49 20.56 -5.08
C27 E2E G . -9.57 22.35 -2.03
C27 E2E G . -11.99 20.79 -4.86
C28 E2E G . -11.85 21.52 -2.57
C28 E2E G . -9.84 21.87 -5.51
C30 E2E G . -11.57 22.12 -4.81
C30 E2E G . -9.34 22.39 -3.33
C33 E2E G . -7.82 17.89 -4.87
C33 E2E G . -7.59 17.48 -4.87
C37 E2E G . -4.88 20.33 2.36
C37 E2E G . -4.81 20.36 2.33
C39 E2E G . -5.13 22.50 3.20
C39 E2E G . -5.06 22.51 3.20
C01 E2E G . -5.41 22.00 4.47
C01 E2E G . -5.36 21.99 4.46
C02 E2E G . -5.44 20.63 4.67
C02 E2E G . -5.37 20.62 4.65
C04 E2E G . -5.17 19.76 3.58
C04 E2E G . -5.09 19.77 3.55
C05 E2E G . -5.08 18.35 3.36
C05 E2E G . -5.00 18.36 3.33
C06 E2E G . -5.29 17.32 4.27
C06 E2E G . -5.21 17.33 4.24
C07 E2E G . -5.87 16.14 3.84
C07 E2E G . -5.81 16.15 3.81
C08 E2E G . -6.08 15.09 4.72
C08 E2E G . -6.03 15.11 4.70
C10 E2E G . -5.70 15.22 6.05
C10 E2E G . -5.65 15.22 6.03
C12 E2E G . -5.10 16.39 6.49
C12 E2E G . -5.04 16.40 6.47
C13 E2E G . -4.67 16.56 7.96
C13 E2E G . -4.61 16.58 7.93
C16 E2E G . -4.90 17.44 5.60
C16 E2E G . -4.83 17.45 5.57
C17 E2E G . -4.77 18.17 2.02
C17 E2E G . -4.68 18.19 1.98
C19 E2E G . -4.33 19.57 0.04
C19 E2E G . -4.24 19.60 0.00
C20 E2E G . -5.59 19.51 -0.83
C20 E2E G . -5.49 19.40 -0.86
C22 E2E G . -6.64 18.95 -3.09
C22 E2E G . -6.51 18.70 -3.11
C23 E2E G . -7.68 19.86 -3.00
C23 E2E G . -7.65 19.50 -3.03
C24 E2E G . -8.75 19.74 -3.87
C24 E2E G . -8.70 19.24 -3.89
C31 E2E G . -10.07 21.76 -4.74
C31 E2E G . -10.03 21.13 -2.84
C34 E2E G . -6.72 17.94 -4.04
C34 E2E G . -6.49 17.68 -4.05
F03 E2E G . -5.73 20.15 5.91
F03 E2E G . -5.66 20.12 5.89
N15 E2E G . -4.92 15.52 8.95
N15 E2E G . -4.90 15.57 8.92
N18 E2E G . -4.65 19.35 1.44
N18 E2E G . -4.57 19.38 1.41
N21 E2E G . -5.48 19.04 -2.20
N21 E2E G . -5.36 18.92 -2.24
N25 E2E G . -9.85 20.70 -3.78
N25 E2E G . -9.91 20.05 -3.83
N32 E2E G . -8.81 18.77 -4.77
N32 E2E G . -8.66 18.26 -4.77
N38 E2E G . -4.88 21.68 2.19
N38 E2E G . -4.80 21.70 2.18
O11 E2E G . -5.91 14.14 6.92
O11 E2E G . -5.87 14.17 6.91
O29 E2E G . -12.11 22.44 -3.57
O29 E2E G . -9.90 22.84 -4.52
O36 E2E G . -6.63 19.82 -0.38
O36 E2E G . -6.55 19.64 -0.41
CL09 E2E G . -6.83 13.59 4.12
CL09 E2E G . -6.80 13.60 4.12
CL35 E2E G . -5.42 16.75 -4.20
CL35 E2E G . -5.08 16.60 -4.22
H261 E2E G . -10.28 20.43 -1.87
H261 E2E G . -10.37 19.92 -5.75
H271 E2E G . -9.45 22.31 -1.09
H271 E2E G . -12.30 20.24 -4.16
H273 E2E G . -10.03 23.14 -2.24
H273 E2E G . -12.14 21.68 -4.64
H272 E2E G . -8.73 22.35 -2.45
H272 E2E G . -12.46 20.58 -5.65
H282 E2E G . -12.36 20.74 -2.74
H282 E2E G . -8.94 21.70 -5.72
H281 E2E G . -12.12 21.88 -1.75
H281 E2E G . -10.28 22.18 -6.27
H302 E2E G . -12.03 21.37 -5.15
H302 E2E G . -9.44 23.07 -2.68
H301 E2E G . -11.68 22.84 -5.40
H301 E2E G . -8.43 22.21 -3.46
H331 E2E G . -7.88 17.21 -5.51
H331 E2E G . -7.58 16.80 -5.51
H391 E2E G . -5.11 23.42 3.05
H391 E2E G . -5.05 23.43 3.07
H011 E2E G . -5.59 22.58 5.17
H011 E2E G . -5.54 22.56 5.18
H071 E2E G . -6.12 16.05 2.95
H071 E2E G . -6.07 16.06 2.92
H161 E2E G . -4.50 18.22 5.91
H161 E2E G . -4.43 18.22 5.87
H171 E2E G . -4.65 17.35 1.59
H171 E2E G . -4.57 17.38 1.55
H192 E2E G . -3.93 20.42 -0.05
H192 E2E G . -3.91 20.47 -0.11
H191 E2E G . -3.72 18.92 -0.24
H191 E2E G . -3.58 18.99 -0.26
H231 E2E G . -7.66 20.55 -2.38
H231 E2E G . -7.70 20.19 -2.41
H311 E2E G . -9.60 22.52 -4.47
H311 E2E G . -10.94 21.30 -2.69
H312 E2E G . -9.78 21.49 -5.59
H312 E2E G . -9.63 20.85 -2.04
H151 E2E G . -5.32 14.79 8.72
H151 E2E G . -5.32 14.84 8.70
H152 E2E G . -4.67 15.66 9.78
H152 E2E G . -4.65 15.68 9.74
H211 E2E G . -4.70 18.81 -2.50
H211 E2E G . -4.56 18.73 -2.54
H111 E2E G . -6.70 13.88 6.84
H111 E2E G . -6.63 13.85 6.77
C1 GOL H . 1.11 9.79 -9.72
O1 GOL H . 1.49 10.26 -8.46
C2 GOL H . 0.90 8.27 -9.59
O2 GOL H . 0.49 7.92 -8.31
C3 GOL H . -0.13 7.96 -10.66
O3 GOL H . -0.17 6.57 -10.79
H11 GOL H . 1.77 9.97 -10.41
H12 GOL H . 0.28 10.20 -10.04
HO1 GOL H . 1.56 11.10 -8.53
H2 GOL H . 1.73 7.77 -9.72
HO2 GOL H . 1.05 8.24 -7.76
H31 GOL H . 0.12 8.42 -11.48
H32 GOL H . -0.98 8.35 -10.40
HO3 GOL H . -0.81 6.39 -11.31
O14 E2E I . -13.33 -5.74 -4.59
C26 E2E I . 2.34 -7.42 -3.20
C27 E2E I . 2.93 -6.98 -1.85
C28 E2E I . 2.80 -8.84 -3.48
C30 E2E I . 0.76 -9.36 -4.46
C33 E2E I . 0.30 -3.70 -3.62
C37 E2E I . -7.01 -6.89 -5.49
C39 E2E I . -7.30 -9.21 -5.69
C01 E2E I . -8.55 -9.14 -5.07
C02 E2E I . -9.03 -7.89 -4.66
C04 E2E I . -8.23 -6.73 -4.88
C05 E2E I . -8.35 -5.34 -4.62
C06 E2E I . -9.40 -4.64 -4.03
C07 E2E I . -9.12 -3.53 -3.24
C08 E2E I . -10.16 -2.83 -2.66
C10 E2E I . -11.47 -3.21 -2.87
C12 E2E I . -11.75 -4.31 -3.66
C13 E2E I . -13.17 -4.78 -3.92
C16 E2E I . -10.71 -5.03 -4.24
C17 E2E I . -7.18 -4.74 -5.09
C19 E2E I . -5.11 -5.42 -6.21
C20 E2E I . -3.92 -5.57 -5.25
C22 E2E I . -1.51 -4.82 -4.71
C23 E2E I . -0.93 -6.04 -4.33
C24 E2E I . 0.24 -6.00 -3.58
C31 E2E I . 0.25 -8.56 -3.26
C34 E2E I . -0.88 -3.64 -4.37
F03 E2E I . -10.25 -7.82 -4.06
N15 E2E I . -14.33 -4.10 -3.34
N18 E2E I . -6.40 -5.68 -5.60
N21 E2E I . -2.72 -4.77 -5.52
N25 E2E I . 0.88 -7.25 -3.14
N32 E2E I . 0.81 -4.86 -3.26
N38 E2E I . -6.58 -8.11 -5.88
O11 E2E I . -12.52 -2.51 -2.27
O29 E2E I . 2.14 -9.46 -4.53
O36 E2E I . -3.96 -6.31 -4.33
CL09 E2E I . -9.79 -1.40 -1.65
CL35 E2E I . -1.56 -2.07 -4.85
H261 E2E I . 2.67 -6.85 -3.88
H271 E2E I . 3.71 -7.48 -1.69
H273 E2E I . 2.30 -7.13 -1.18
H272 E2E I . 3.14 -6.07 -1.90
H282 E2E I . 3.72 -8.82 -3.69
H281 E2E I . 2.69 -9.36 -2.69
H302 E2E I . 0.45 -8.93 -5.24
H301 E2E I . 0.38 -10.22 -4.43
H331 E2E I . 0.72 -2.91 -3.37
H391 E2E I . -6.97 -10.03 -5.97
H011 E2E I . -9.05 -9.90 -4.93
H071 E2E I . -8.24 -3.26 -3.10
H161 E2E I . -10.89 -5.76 -4.78
H171 E2E I . -6.99 -3.83 -5.06
H192 E2E I . -4.99 -6.02 -6.92
H191 E2E I . -5.11 -4.55 -6.55
H231 E2E I . -1.34 -6.83 -4.57
H311 E2E I . 0.43 -9.06 -2.48
H312 E2E I . -0.68 -8.46 -3.34
H151 E2E I . -14.21 -3.41 -2.85
H152 E2E I . -15.13 -4.39 -3.51
H211 E2E I . -2.74 -4.24 -6.21
H111 E2E I . -12.59 -2.73 -1.47
#